data_7K2O
#
_entry.id   7K2O
#
_cell.length_a   162.286
_cell.length_b   68.803
_cell.length_c   77.098
_cell.angle_alpha   90.000
_cell.angle_beta   117.588
_cell.angle_gamma   90.000
#
_symmetry.space_group_name_H-M   'C 1 2 1'
#
loop_
_entity.id
_entity.type
_entity.pdbx_description
1 polymer 'Kelch-like ECH-associated protein 1'
2 polymer (ABU)DPETGE
3 water water
#
loop_
_entity_poly.entity_id
_entity_poly.type
_entity_poly.pdbx_seq_one_letter_code
_entity_poly.pdbx_strand_id
1 'polypeptide(L)'
;VGRLIYTAGGYFRQSLSYLEAYNPSDGTWLRLADLQVPRSGLAGCVVGGLLYAVGGRNNSPDGNTDSSALDCYNPMTNQW
SPCAPMSVPRNRIGVGVIDGHIYAVGGSHGCIHHNSVERYEPERDEWHLVAPMLTRRIGVGVAVLNRLLYAVGGFDGTNR
LNSAECYYPERNEWRMITAMNTIRSGAGVCVLHNCIYAAGGYDGQDQLNSVERYDVETETWTFVAPMKHRRSALGITVHQ
GRIYVLGGYDGHTFLDSVECYDPDTDTWSEVTRMTSGRSGVGVAVTMEPSRKQIDQQNCTC
;
A,B
2 'polypeptide(L)' (ABU)DPETGE P
#
# COMPACT_ATOMS: atom_id res chain seq x y z
N LEU A 4 -12.48 -5.85 13.75
CA LEU A 4 -12.03 -6.90 14.68
C LEU A 4 -11.32 -8.06 13.98
N ILE A 5 -10.67 -8.90 14.78
CA ILE A 5 -9.95 -10.07 14.31
C ILE A 5 -10.90 -11.25 14.32
N TYR A 6 -11.24 -11.76 13.14
CA TYR A 6 -12.13 -12.91 13.02
C TYR A 6 -11.32 -14.19 12.88
N THR A 7 -11.70 -15.21 13.64
CA THR A 7 -11.12 -16.53 13.55
C THR A 7 -12.22 -17.50 13.12
N ALA A 8 -11.96 -18.28 12.07
CA ALA A 8 -12.94 -19.18 11.49
C ALA A 8 -12.35 -20.57 11.40
N GLY A 9 -13.15 -21.56 11.82
CA GLY A 9 -12.72 -22.94 11.74
C GLY A 9 -11.72 -23.29 12.83
N GLY A 10 -10.91 -24.29 12.56
CA GLY A 10 -9.90 -24.75 13.48
C GLY A 10 -10.10 -26.19 13.87
N TYR A 11 -9.22 -26.66 14.75
CA TYR A 11 -9.26 -28.06 15.14
C TYR A 11 -9.00 -28.18 16.63
N PHE A 12 -9.86 -28.94 17.29
CA PHE A 12 -9.71 -29.27 18.67
C PHE A 12 -10.48 -30.58 18.86
N ARG A 13 -9.79 -31.69 18.61
CA ARG A 13 -10.29 -33.08 18.58
C ARG A 13 -11.18 -33.35 17.37
N GLN A 14 -11.67 -32.32 16.68
CA GLN A 14 -12.37 -32.45 15.42
C GLN A 14 -12.36 -31.10 14.69
N SER A 15 -12.58 -31.06 13.38
CA SER A 15 -12.69 -29.75 12.76
C SER A 15 -13.90 -29.00 13.33
N LEU A 16 -13.81 -27.67 13.31
CA LEU A 16 -14.77 -26.81 13.98
C LEU A 16 -15.52 -25.93 12.99
N SER A 17 -16.71 -25.49 13.42
CA SER A 17 -17.53 -24.52 12.71
C SER A 17 -17.45 -23.11 13.32
N TYR A 18 -16.61 -22.89 14.33
CA TYR A 18 -16.62 -21.64 15.07
C TYR A 18 -16.30 -20.44 14.17
N LEU A 19 -17.01 -19.34 14.40
CA LEU A 19 -16.59 -18.02 13.96
C LEU A 19 -16.67 -17.09 15.16
N GLU A 20 -15.52 -16.62 15.60
CA GLU A 20 -15.42 -15.71 16.73
C GLU A 20 -14.58 -14.50 16.33
N ALA A 21 -14.83 -13.38 17.01
CA ALA A 21 -14.17 -12.13 16.71
C ALA A 21 -13.62 -11.53 18.00
N TYR A 22 -12.37 -11.10 17.96
CA TYR A 22 -11.69 -10.52 19.12
C TYR A 22 -11.51 -9.02 18.92
N ASN A 23 -11.75 -8.25 19.98
CA ASN A 23 -11.58 -6.79 19.96
C ASN A 23 -10.32 -6.43 20.76
N PRO A 24 -9.21 -6.11 20.10
CA PRO A 24 -7.98 -5.80 20.85
C PRO A 24 -8.07 -4.56 21.73
N SER A 25 -9.04 -3.66 21.48
CA SER A 25 -9.17 -2.47 22.32
C SER A 25 -9.86 -2.80 23.64
N ASP A 26 -11.09 -3.30 23.55
CA ASP A 26 -11.93 -3.76 24.66
C ASP A 26 -11.49 -5.11 25.20
N GLY A 27 -10.98 -6.00 24.36
CA GLY A 27 -10.47 -7.28 24.82
C GLY A 27 -11.48 -8.41 24.90
N THR A 28 -12.68 -8.24 24.37
CA THR A 28 -13.66 -9.31 24.51
C THR A 28 -14.01 -9.92 23.16
N TRP A 29 -14.58 -11.13 23.24
CA TRP A 29 -14.77 -12.03 22.12
C TRP A 29 -16.25 -12.09 21.75
N LEU A 30 -16.53 -11.91 20.46
CA LEU A 30 -17.87 -12.13 19.92
C LEU A 30 -17.99 -13.56 19.39
N ARG A 31 -19.15 -14.17 19.62
CA ARG A 31 -19.48 -15.45 19.00
C ARG A 31 -20.50 -15.20 17.90
N LEU A 32 -20.17 -15.59 16.67
CA LEU A 32 -20.99 -15.28 15.50
C LEU A 32 -21.48 -16.57 14.86
N ALA A 33 -21.98 -16.46 13.63
CA ALA A 33 -22.60 -17.60 12.96
C ALA A 33 -21.57 -18.69 12.69
N ASP A 34 -21.99 -19.93 12.89
CA ASP A 34 -21.11 -21.05 12.62
C ASP A 34 -20.90 -21.22 11.11
N LEU A 35 -19.69 -21.63 10.73
CA LEU A 35 -19.36 -21.99 9.35
C LEU A 35 -20.44 -22.93 8.79
N GLN A 36 -20.60 -23.03 7.46
CA GLN A 36 -21.59 -24.06 7.15
C GLN A 36 -20.98 -25.40 6.77
N VAL A 37 -19.68 -25.64 6.95
CA VAL A 37 -19.07 -26.96 7.06
C VAL A 37 -17.83 -26.82 7.96
N PRO A 38 -17.79 -27.62 9.00
CA PRO A 38 -16.62 -27.64 9.86
C PRO A 38 -15.38 -27.76 9.02
N ARG A 39 -14.38 -26.93 9.35
CA ARG A 39 -13.14 -26.92 8.59
C ARG A 39 -11.99 -26.60 9.52
N SER A 40 -10.90 -27.27 9.27
CA SER A 40 -9.59 -26.93 9.78
C SER A 40 -8.64 -26.92 8.59
N GLY A 41 -7.50 -26.25 8.75
CA GLY A 41 -6.56 -26.17 7.66
C GLY A 41 -7.00 -25.26 6.53
N LEU A 42 -7.95 -24.38 6.79
CA LEU A 42 -8.49 -23.46 5.81
C LEU A 42 -7.70 -22.15 5.85
N ALA A 43 -8.06 -21.24 4.98
CA ALA A 43 -7.53 -19.90 5.06
C ALA A 43 -8.68 -18.92 5.00
N GLY A 44 -8.44 -17.74 5.55
CA GLY A 44 -9.41 -16.67 5.54
C GLY A 44 -8.81 -15.44 4.91
N CYS A 45 -9.65 -14.68 4.21
CA CYS A 45 -9.25 -13.37 3.75
C CYS A 45 -10.49 -12.50 3.72
N VAL A 46 -10.27 -11.20 3.48
CA VAL A 46 -11.33 -10.21 3.39
C VAL A 46 -11.22 -9.53 2.04
N VAL A 47 -12.32 -9.50 1.29
CA VAL A 47 -12.41 -8.75 0.04
C VAL A 47 -13.71 -7.94 0.08
N GLY A 48 -13.59 -6.64 -0.15
CA GLY A 48 -14.77 -5.77 -0.10
C GLY A 48 -15.52 -5.83 1.19
N GLY A 49 -14.80 -5.92 2.32
CA GLY A 49 -15.40 -6.11 3.62
C GLY A 49 -15.97 -7.49 3.87
N LEU A 50 -16.09 -8.35 2.87
CA LEU A 50 -16.63 -9.69 3.08
C LEU A 50 -15.52 -10.63 3.53
N LEU A 51 -15.85 -11.57 4.42
CA LEU A 51 -14.88 -12.52 4.95
C LEU A 51 -15.05 -13.87 4.29
N TYR A 52 -13.99 -14.39 3.70
CA TYR A 52 -14.06 -15.63 2.94
C TYR A 52 -13.31 -16.74 3.63
N ALA A 53 -13.88 -17.95 3.54
CA ALA A 53 -13.29 -19.16 4.08
C ALA A 53 -12.96 -20.10 2.92
N VAL A 54 -11.68 -20.46 2.78
CA VAL A 54 -11.19 -21.12 1.59
C VAL A 54 -10.55 -22.45 1.97
N GLY A 55 -10.95 -23.51 1.26
CA GLY A 55 -10.30 -24.82 1.36
C GLY A 55 -10.41 -25.47 2.73
N GLY A 56 -9.43 -26.33 3.03
CA GLY A 56 -9.33 -27.00 4.32
C GLY A 56 -9.86 -28.42 4.27
N ARG A 57 -10.37 -28.92 5.39
CA ARG A 57 -10.99 -30.24 5.39
C ARG A 57 -11.87 -30.39 6.62
N ASN A 58 -12.81 -31.34 6.57
CA ASN A 58 -13.65 -31.68 7.71
C ASN A 58 -13.13 -33.00 8.27
N ASN A 59 -12.29 -32.91 9.30
CA ASN A 59 -11.74 -34.05 10.02
C ASN A 59 -12.64 -34.28 11.21
N SER A 60 -13.47 -35.31 11.12
CA SER A 60 -14.55 -35.57 12.08
C SER A 60 -14.50 -37.02 12.52
N PRO A 61 -15.30 -37.40 13.53
CA PRO A 61 -15.37 -38.82 13.90
C PRO A 61 -15.83 -39.75 12.78
N ASP A 62 -16.38 -39.18 11.69
CA ASP A 62 -17.03 -39.96 10.65
C ASP A 62 -16.41 -39.78 9.27
N GLY A 63 -15.31 -39.04 9.16
CA GLY A 63 -14.75 -38.77 7.85
C GLY A 63 -13.57 -37.84 7.97
N ASN A 64 -12.99 -37.53 6.81
CA ASN A 64 -11.82 -36.69 6.75
C ASN A 64 -11.78 -36.08 5.35
N THR A 65 -12.80 -35.31 5.01
CA THR A 65 -13.00 -34.89 3.63
C THR A 65 -12.30 -33.55 3.39
N ASP A 66 -11.36 -33.55 2.45
CA ASP A 66 -10.71 -32.31 2.01
C ASP A 66 -11.69 -31.40 1.29
N SER A 67 -11.54 -30.10 1.51
CA SER A 67 -12.58 -29.14 1.11
C SER A 67 -12.18 -28.39 -0.16
N SER A 68 -13.12 -28.31 -1.09
CA SER A 68 -13.06 -27.39 -2.23
C SER A 68 -13.86 -26.12 -2.00
N ALA A 69 -14.50 -25.99 -0.85
CA ALA A 69 -15.50 -24.96 -0.65
C ALA A 69 -14.87 -23.57 -0.55
N LEU A 70 -15.56 -22.59 -1.09
CA LEU A 70 -15.35 -21.19 -0.73
C LEU A 70 -16.67 -20.67 -0.17
N ASP A 71 -16.63 -20.09 1.03
CA ASP A 71 -17.83 -19.60 1.70
C ASP A 71 -17.62 -18.17 2.17
N CYS A 72 -18.68 -17.36 2.08
CA CYS A 72 -18.60 -15.91 2.33
C CYS A 72 -19.46 -15.52 3.52
N TYR A 73 -18.87 -14.86 4.50
CA TYR A 73 -19.58 -14.33 5.65
C TYR A 73 -19.75 -12.83 5.51
N ASN A 74 -20.98 -12.34 5.71
CA ASN A 74 -21.27 -10.91 5.64
C ASN A 74 -21.36 -10.36 7.06
N PRO A 75 -20.47 -9.45 7.47
CA PRO A 75 -20.40 -9.05 8.88
C PRO A 75 -21.62 -8.31 9.41
N MET A 76 -22.45 -7.72 8.56
CA MET A 76 -23.67 -7.07 9.02
C MET A 76 -24.93 -7.81 8.63
N THR A 77 -24.79 -8.99 8.02
CA THR A 77 -25.87 -9.95 7.84
C THR A 77 -25.70 -11.15 8.77
N ASN A 78 -24.54 -11.29 9.41
CA ASN A 78 -24.17 -12.45 10.21
C ASN A 78 -24.70 -13.73 9.56
N GLN A 79 -24.33 -13.94 8.31
CA GLN A 79 -24.83 -15.10 7.58
C GLN A 79 -23.84 -15.55 6.51
N TRP A 80 -23.60 -16.86 6.47
CA TRP A 80 -22.73 -17.47 5.48
C TRP A 80 -23.53 -17.82 4.22
N SER A 81 -22.91 -17.60 3.06
CA SER A 81 -23.49 -18.03 1.80
C SER A 81 -22.39 -18.66 0.94
N PRO A 82 -22.69 -19.78 0.28
CA PRO A 82 -21.67 -20.46 -0.51
C PRO A 82 -21.38 -19.75 -1.82
N CYS A 83 -20.11 -19.83 -2.23
CA CYS A 83 -19.59 -19.37 -3.51
C CYS A 83 -19.14 -20.59 -4.32
N ALA A 84 -18.76 -20.37 -5.58
CA ALA A 84 -18.36 -21.50 -6.41
C ALA A 84 -17.18 -22.25 -5.80
N PRO A 85 -17.08 -23.55 -6.01
CA PRO A 85 -15.96 -24.32 -5.47
C PRO A 85 -14.73 -24.26 -6.36
N MET A 86 -13.61 -24.69 -5.78
CA MET A 86 -12.34 -24.70 -6.49
C MET A 86 -12.24 -25.92 -7.38
N SER A 87 -11.24 -25.89 -8.27
CA SER A 87 -11.01 -27.02 -9.16
C SER A 87 -10.68 -28.30 -8.40
N VAL A 88 -9.98 -28.20 -7.28
CA VAL A 88 -9.57 -29.35 -6.47
C VAL A 88 -9.67 -29.00 -5.00
N PRO A 89 -9.75 -30.01 -4.12
CA PRO A 89 -9.72 -29.73 -2.69
C PRO A 89 -8.32 -29.35 -2.24
N ARG A 90 -8.25 -28.44 -1.27
CA ARG A 90 -6.96 -27.94 -0.80
C ARG A 90 -6.99 -27.87 0.72
N ASN A 91 -6.52 -28.92 1.35
CA ASN A 91 -6.27 -28.91 2.79
C ASN A 91 -4.96 -28.20 3.03
N ARG A 92 -4.91 -27.39 4.08
CA ARG A 92 -3.70 -26.64 4.46
C ARG A 92 -3.25 -25.73 3.33
N ILE A 93 -4.20 -24.96 2.84
CA ILE A 93 -4.05 -24.05 1.72
C ILE A 93 -3.49 -22.71 2.19
N GLY A 94 -2.94 -21.95 1.25
CA GLY A 94 -2.57 -20.56 1.51
C GLY A 94 -3.34 -19.69 0.54
N VAL A 95 -3.68 -18.46 1.00
CA VAL A 95 -4.43 -17.52 0.17
C VAL A 95 -3.86 -16.13 0.30
N GLY A 96 -3.99 -15.36 -0.78
CA GLY A 96 -3.66 -13.95 -0.74
C GLY A 96 -4.62 -13.18 -1.62
N VAL A 97 -4.68 -11.86 -1.37
CA VAL A 97 -5.62 -10.95 -2.02
C VAL A 97 -4.84 -9.93 -2.83
N ILE A 98 -5.03 -9.92 -4.16
CA ILE A 98 -4.53 -8.85 -5.02
C ILE A 98 -5.69 -8.29 -5.83
N ASP A 99 -5.85 -6.96 -5.78
CA ASP A 99 -6.81 -6.26 -6.63
C ASP A 99 -8.19 -6.89 -6.54
N GLY A 100 -8.65 -7.07 -5.31
CA GLY A 100 -9.95 -7.66 -5.06
C GLY A 100 -10.14 -9.10 -5.47
N HIS A 101 -9.07 -9.82 -5.81
CA HIS A 101 -9.16 -11.21 -6.27
C HIS A 101 -8.45 -12.13 -5.29
N ILE A 102 -9.03 -13.30 -5.06
CA ILE A 102 -8.51 -14.28 -4.11
C ILE A 102 -7.68 -15.31 -4.87
N TYR A 103 -6.45 -15.55 -4.39
CA TYR A 103 -5.55 -16.58 -4.95
C TYR A 103 -5.46 -17.74 -3.98
N ALA A 104 -5.84 -18.94 -4.44
CA ALA A 104 -5.75 -20.16 -3.64
C ALA A 104 -4.52 -20.94 -4.07
N VAL A 105 -3.65 -21.24 -3.11
CA VAL A 105 -2.31 -21.71 -3.41
C VAL A 105 -2.06 -23.02 -2.71
N GLY A 106 -1.68 -24.05 -3.47
CA GLY A 106 -1.11 -25.23 -2.87
C GLY A 106 -2.16 -26.06 -2.16
N GLY A 107 -1.76 -26.66 -1.04
CA GLY A 107 -2.68 -27.49 -0.28
C GLY A 107 -2.62 -28.93 -0.74
N SER A 108 -3.33 -29.79 -0.01
CA SER A 108 -3.31 -31.21 -0.31
C SER A 108 -4.73 -31.73 -0.51
N HIS A 109 -4.80 -32.80 -1.30
CA HIS A 109 -5.99 -33.64 -1.42
C HIS A 109 -5.51 -35.07 -1.26
N GLY A 110 -5.80 -35.68 -0.12
CA GLY A 110 -5.28 -37.00 0.16
C GLY A 110 -3.77 -37.00 0.14
N CYS A 111 -3.19 -37.94 -0.63
CA CYS A 111 -1.75 -38.05 -0.83
C CYS A 111 -1.18 -36.92 -1.68
N ILE A 112 -2.00 -36.20 -2.43
CA ILE A 112 -1.52 -35.29 -3.46
C ILE A 112 -1.18 -33.95 -2.83
N HIS A 113 0.06 -33.51 -3.02
CA HIS A 113 0.49 -32.18 -2.60
C HIS A 113 0.50 -31.29 -3.85
N HIS A 114 -0.40 -30.29 -3.87
CA HIS A 114 -0.56 -29.44 -5.06
C HIS A 114 0.59 -28.45 -5.20
N ASN A 115 1.02 -28.24 -6.44
CA ASN A 115 1.68 -27.01 -6.81
C ASN A 115 0.71 -26.04 -7.47
N SER A 116 -0.51 -26.48 -7.72
CA SER A 116 -1.48 -25.70 -8.48
C SER A 116 -1.93 -24.47 -7.73
N VAL A 117 -2.36 -23.47 -8.50
CA VAL A 117 -2.84 -22.18 -8.00
C VAL A 117 -4.03 -21.77 -8.86
N GLU A 118 -5.05 -21.19 -8.23
CA GLU A 118 -6.19 -20.67 -8.97
C GLU A 118 -6.67 -19.37 -8.35
N ARG A 119 -7.45 -18.62 -9.13
CA ARG A 119 -7.87 -17.27 -8.77
C ARG A 119 -9.40 -17.18 -8.74
N TYR A 120 -9.91 -16.52 -7.71
CA TYR A 120 -11.34 -16.33 -7.53
C TYR A 120 -11.74 -14.90 -7.88
N GLU A 121 -12.86 -14.76 -8.59
CA GLU A 121 -13.35 -13.46 -9.05
C GLU A 121 -14.64 -13.11 -8.33
N PRO A 122 -14.57 -12.34 -7.23
CA PRO A 122 -15.79 -12.14 -6.40
C PRO A 122 -17.01 -11.67 -7.18
N GLU A 123 -16.88 -10.60 -7.96
CA GLU A 123 -18.07 -10.12 -8.66
C GLU A 123 -18.48 -10.99 -9.82
N ARG A 124 -17.70 -12.04 -10.15
CA ARG A 124 -18.09 -13.02 -11.14
C ARG A 124 -18.34 -14.41 -10.55
N ASP A 125 -17.91 -14.65 -9.32
CA ASP A 125 -17.97 -15.97 -8.69
C ASP A 125 -17.49 -17.06 -9.63
N GLU A 126 -16.24 -16.93 -10.07
CA GLU A 126 -15.62 -17.92 -10.93
C GLU A 126 -14.17 -18.15 -10.48
N TRP A 127 -13.74 -19.41 -10.55
CA TRP A 127 -12.36 -19.79 -10.36
C TRP A 127 -11.71 -20.03 -11.71
N HIS A 128 -10.44 -19.65 -11.82
CA HIS A 128 -9.65 -19.88 -13.03
C HIS A 128 -8.29 -20.44 -12.64
N LEU A 129 -7.85 -21.47 -13.36
CA LEU A 129 -6.53 -22.06 -13.10
C LEU A 129 -5.44 -21.16 -13.68
N VAL A 130 -4.40 -20.92 -12.89
CA VAL A 130 -3.28 -20.09 -13.37
C VAL A 130 -1.99 -20.88 -13.24
N ALA A 131 -0.86 -20.20 -13.44
CA ALA A 131 0.44 -20.88 -13.48
C ALA A 131 0.74 -21.57 -12.16
N PRO A 132 1.17 -22.83 -12.19
CA PRO A 132 1.51 -23.52 -10.94
C PRO A 132 2.81 -23.00 -10.33
N MET A 133 2.98 -23.27 -9.04
CA MET A 133 4.24 -22.99 -8.38
C MET A 133 5.35 -23.89 -8.93
N LEU A 134 6.59 -23.48 -8.69
CA LEU A 134 7.73 -24.33 -8.98
C LEU A 134 7.78 -25.52 -8.03
N THR A 135 7.14 -25.41 -6.87
CA THR A 135 7.26 -26.31 -5.74
C THR A 135 5.88 -26.76 -5.29
N ARG A 136 5.74 -28.05 -4.98
CA ARG A 136 4.54 -28.54 -4.30
C ARG A 136 4.59 -28.09 -2.85
N ARG A 137 3.51 -27.48 -2.35
CA ARG A 137 3.53 -26.89 -1.02
C ARG A 137 2.17 -27.03 -0.36
N ILE A 138 2.15 -27.66 0.81
CA ILE A 138 1.02 -27.59 1.72
C ILE A 138 1.54 -26.97 3.00
N GLY A 139 0.62 -26.44 3.80
CA GLY A 139 1.02 -25.65 4.96
C GLY A 139 1.83 -24.44 4.56
N VAL A 140 1.55 -23.86 3.37
CA VAL A 140 2.32 -22.76 2.78
C VAL A 140 1.75 -21.44 3.30
N GLY A 141 2.64 -20.50 3.63
CA GLY A 141 2.21 -19.15 3.97
C GLY A 141 2.22 -18.27 2.74
N VAL A 142 1.21 -17.41 2.65
CA VAL A 142 1.02 -16.58 1.47
C VAL A 142 0.93 -15.14 1.92
N ALA A 143 1.50 -14.23 1.12
CA ALA A 143 1.46 -12.82 1.45
C ALA A 143 1.52 -12.01 0.16
N VAL A 144 1.01 -10.78 0.24
CA VAL A 144 0.93 -9.90 -0.90
C VAL A 144 1.70 -8.64 -0.56
N LEU A 145 2.66 -8.28 -1.40
CA LEU A 145 3.42 -7.05 -1.24
C LEU A 145 3.76 -6.51 -2.61
N ASN A 146 3.47 -5.21 -2.81
CA ASN A 146 3.54 -4.53 -4.12
C ASN A 146 2.76 -5.27 -5.18
N ARG A 147 1.57 -5.73 -4.79
CA ARG A 147 0.67 -6.47 -5.67
C ARG A 147 1.37 -7.66 -6.33
N LEU A 148 2.37 -8.20 -5.65
CA LEU A 148 2.99 -9.47 -6.01
C LEU A 148 2.58 -10.50 -4.96
N LEU A 149 2.51 -11.77 -5.36
CA LEU A 149 2.04 -12.84 -4.49
C LEU A 149 3.21 -13.76 -4.15
N TYR A 150 3.45 -13.93 -2.85
CA TYR A 150 4.56 -14.71 -2.34
C TYR A 150 4.05 -16.00 -1.70
N ALA A 151 4.65 -17.14 -2.06
CA ALA A 151 4.37 -18.43 -1.42
C ALA A 151 5.59 -18.82 -0.60
N VAL A 152 5.38 -19.09 0.69
CA VAL A 152 6.48 -19.15 1.64
C VAL A 152 6.44 -20.45 2.41
N GLY A 153 7.53 -21.21 2.36
CA GLY A 153 7.69 -22.40 3.15
C GLY A 153 6.69 -23.48 2.76
N GLY A 154 6.29 -24.26 3.75
CA GLY A 154 5.35 -25.34 3.52
C GLY A 154 6.04 -26.69 3.53
N PHE A 155 5.41 -27.64 2.85
CA PHE A 155 5.82 -29.05 2.91
C PHE A 155 5.46 -29.67 1.57
N ASP A 156 6.44 -30.30 0.90
CA ASP A 156 6.20 -30.83 -0.44
C ASP A 156 5.77 -32.30 -0.43
N GLY A 157 5.52 -32.88 0.74
CA GLY A 157 5.25 -34.29 0.88
C GLY A 157 6.43 -35.09 1.43
N THR A 158 7.65 -34.54 1.33
CA THR A 158 8.85 -35.25 1.76
C THR A 158 9.69 -34.33 2.64
N ASN A 159 9.93 -33.10 2.17
CA ASN A 159 10.75 -32.13 2.87
C ASN A 159 9.92 -30.94 3.31
N ARG A 160 10.25 -30.42 4.47
CA ARG A 160 9.75 -29.11 4.82
C ARG A 160 10.68 -28.05 4.24
N LEU A 161 10.12 -26.88 3.95
CA LEU A 161 10.73 -25.90 3.05
C LEU A 161 11.08 -24.61 3.77
N ASN A 162 12.25 -24.06 3.44
CA ASN A 162 12.50 -22.66 3.70
C ASN A 162 12.47 -21.83 2.43
N SER A 163 12.22 -22.44 1.28
CA SER A 163 12.20 -21.66 0.05
C SER A 163 10.94 -20.80 -0.04
N ALA A 164 11.05 -19.75 -0.82
CA ALA A 164 9.92 -18.90 -1.12
C ALA A 164 9.97 -18.58 -2.60
N GLU A 165 8.81 -18.44 -3.21
CA GLU A 165 8.75 -18.03 -4.60
C GLU A 165 7.70 -16.95 -4.75
N CYS A 166 7.79 -16.22 -5.86
CA CYS A 166 7.05 -15.00 -6.07
C CYS A 166 6.27 -15.16 -7.37
N TYR A 167 4.99 -14.79 -7.33
CA TYR A 167 4.13 -14.83 -8.50
C TYR A 167 3.88 -13.41 -9.02
N TYR A 168 4.08 -13.20 -10.32
CA TYR A 168 3.88 -11.89 -10.93
C TYR A 168 2.58 -11.88 -11.74
N PRO A 169 1.52 -11.26 -11.24
CA PRO A 169 0.22 -11.41 -11.90
C PRO A 169 0.19 -10.94 -13.35
N GLU A 170 0.96 -9.91 -13.72
CA GLU A 170 0.89 -9.45 -15.10
C GLU A 170 1.77 -10.27 -16.04
N ARG A 171 2.75 -11.02 -15.53
CA ARG A 171 3.42 -12.04 -16.34
C ARG A 171 2.78 -13.41 -16.19
N ASN A 172 1.98 -13.62 -15.15
CA ASN A 172 1.41 -14.93 -14.81
C ASN A 172 2.53 -15.99 -14.77
N GLU A 173 3.49 -15.75 -13.88
CA GLU A 173 4.74 -16.52 -13.84
C GLU A 173 5.24 -16.55 -12.40
N TRP A 174 6.05 -17.57 -12.09
CA TRP A 174 6.71 -17.72 -10.80
C TRP A 174 8.20 -17.52 -10.93
N ARG A 175 8.84 -17.27 -9.78
CA ARG A 175 10.27 -17.02 -9.67
C ARG A 175 10.65 -17.41 -8.24
N MET A 176 11.64 -18.28 -8.11
CA MET A 176 12.24 -18.55 -6.80
C MET A 176 12.89 -17.26 -6.29
N ILE A 177 12.84 -17.02 -4.97
CA ILE A 177 13.56 -15.89 -4.39
C ILE A 177 14.48 -16.44 -3.32
N THR A 178 15.05 -15.54 -2.50
CA THR A 178 15.92 -15.96 -1.42
C THR A 178 15.13 -16.79 -0.40
N ALA A 179 15.77 -17.84 0.09
CA ALA A 179 15.15 -18.73 1.06
C ALA A 179 15.21 -18.12 2.45
N MET A 180 14.19 -18.44 3.26
CA MET A 180 14.20 -18.05 4.66
C MET A 180 15.43 -18.61 5.37
N ASN A 181 15.77 -18.01 6.50
CA ASN A 181 16.79 -18.59 7.37
C ASN A 181 16.30 -19.88 8.05
N THR A 182 14.99 -20.07 8.18
CA THR A 182 14.44 -21.21 8.89
C THR A 182 13.47 -21.98 7.99
N ILE A 183 13.62 -23.30 7.99
CA ILE A 183 12.60 -24.16 7.42
C ILE A 183 11.31 -24.02 8.22
N ARG A 184 10.22 -23.70 7.55
CA ARG A 184 8.94 -23.49 8.23
C ARG A 184 7.80 -24.05 7.41
N SER A 185 7.04 -24.96 8.01
CA SER A 185 5.76 -25.41 7.49
C SER A 185 4.72 -25.13 8.55
N GLY A 186 3.52 -24.76 8.12
CA GLY A 186 2.51 -24.30 9.06
C GLY A 186 2.88 -23.05 9.84
N ALA A 187 3.60 -22.12 9.21
CA ALA A 187 3.94 -20.85 9.86
C ALA A 187 2.81 -19.85 9.68
N GLY A 188 2.87 -18.77 10.43
CA GLY A 188 2.02 -17.62 10.18
C GLY A 188 2.75 -16.68 9.27
N VAL A 189 2.22 -16.43 8.08
CA VAL A 189 2.84 -15.53 7.11
C VAL A 189 1.90 -14.37 6.88
N CYS A 190 2.43 -13.15 7.03
CA CYS A 190 1.67 -11.93 6.81
C CYS A 190 2.65 -10.84 6.41
N VAL A 191 2.13 -9.63 6.19
CA VAL A 191 2.89 -8.46 5.73
C VAL A 191 2.67 -7.37 6.76
N LEU A 192 3.71 -7.04 7.54
CA LEU A 192 3.66 -5.94 8.51
C LEU A 192 4.69 -4.88 8.14
N HIS A 193 4.28 -3.63 8.31
CA HIS A 193 5.08 -2.49 7.89
C HIS A 193 5.26 -2.62 6.38
N ASN A 194 6.40 -3.13 5.92
CA ASN A 194 6.53 -3.49 4.51
C ASN A 194 7.46 -4.67 4.31
N CYS A 195 7.40 -5.65 5.22
CA CYS A 195 8.15 -6.88 5.09
C CYS A 195 7.18 -8.05 5.11
N ILE A 196 7.62 -9.17 4.57
CA ILE A 196 6.92 -10.43 4.74
C ILE A 196 7.40 -11.03 6.03
N TYR A 197 6.51 -11.22 6.98
CA TYR A 197 6.85 -11.87 8.24
C TYR A 197 6.52 -13.35 8.17
N ALA A 198 7.37 -14.16 8.78
CA ALA A 198 7.15 -15.59 8.93
C ALA A 198 7.33 -15.92 10.40
N ALA A 199 6.27 -16.38 11.06
CA ALA A 199 6.29 -16.58 12.50
C ALA A 199 5.98 -18.03 12.83
N GLY A 200 6.85 -18.64 13.62
CA GLY A 200 6.63 -19.99 14.10
C GLY A 200 6.66 -20.99 12.98
N GLY A 201 5.84 -22.04 13.14
CA GLY A 201 5.83 -23.15 12.21
C GLY A 201 6.54 -24.37 12.77
N TYR A 202 6.75 -25.32 11.89
CA TYR A 202 7.33 -26.61 12.25
C TYR A 202 8.41 -26.94 11.23
N ASP A 203 9.60 -27.30 11.70
CA ASP A 203 10.74 -27.55 10.82
C ASP A 203 11.01 -29.04 10.63
N GLY A 204 10.05 -29.89 10.99
CA GLY A 204 10.26 -31.33 10.96
C GLY A 204 10.77 -31.91 12.26
N GLN A 205 11.06 -31.08 13.25
CA GLN A 205 11.62 -31.56 14.51
C GLN A 205 10.92 -30.90 15.70
N ASP A 206 10.74 -29.58 15.61
CA ASP A 206 10.20 -28.79 16.71
C ASP A 206 9.28 -27.74 16.15
N GLN A 207 8.21 -27.43 16.89
CA GLN A 207 7.51 -26.20 16.61
C GLN A 207 8.43 -25.04 16.97
N LEU A 208 8.31 -23.95 16.21
CA LEU A 208 9.21 -22.82 16.35
C LEU A 208 8.52 -21.67 17.05
N ASN A 209 9.29 -20.93 17.84
CA ASN A 209 8.86 -19.61 18.32
C ASN A 209 9.64 -18.48 17.65
N SER A 210 10.58 -18.78 16.76
CA SER A 210 11.32 -17.74 16.06
C SER A 210 10.46 -17.08 14.99
N VAL A 211 10.90 -15.89 14.57
CA VAL A 211 10.16 -15.03 13.66
C VAL A 211 11.18 -14.30 12.80
N GLU A 212 10.94 -14.23 11.49
CA GLU A 212 11.84 -13.53 10.60
C GLU A 212 11.01 -12.80 9.56
N ARG A 213 11.63 -11.78 8.94
CA ARG A 213 10.93 -10.92 8.01
C ARG A 213 11.78 -10.67 6.77
N TYR A 214 11.10 -10.55 5.63
CA TYR A 214 11.75 -10.41 4.33
C TYR A 214 11.63 -8.96 3.88
N ASP A 215 12.75 -8.37 3.48
CA ASP A 215 12.74 -7.03 2.89
C ASP A 215 12.98 -7.20 1.39
N VAL A 216 12.00 -6.77 0.59
CA VAL A 216 12.08 -6.98 -0.86
C VAL A 216 13.27 -6.24 -1.44
N GLU A 217 13.49 -4.99 -1.03
CA GLU A 217 14.50 -4.17 -1.69
C GLU A 217 15.90 -4.75 -1.53
N THR A 218 16.21 -5.31 -0.36
CA THR A 218 17.52 -5.90 -0.15
C THR A 218 17.52 -7.42 -0.32
N GLU A 219 16.38 -8.02 -0.66
CA GLU A 219 16.22 -9.49 -0.75
C GLU A 219 16.85 -10.20 0.43
N THR A 220 16.43 -9.81 1.64
CA THR A 220 17.07 -10.27 2.86
C THR A 220 16.03 -10.65 3.90
N TRP A 221 16.20 -11.83 4.50
CA TRP A 221 15.43 -12.24 5.67
C TRP A 221 16.24 -11.94 6.92
N THR A 222 15.62 -11.32 7.90
CA THR A 222 16.24 -11.00 9.18
C THR A 222 15.38 -11.52 10.32
N PHE A 223 16.02 -12.02 11.38
CA PHE A 223 15.30 -12.48 12.56
C PHE A 223 14.91 -11.30 13.45
N VAL A 224 13.73 -11.40 14.06
CA VAL A 224 13.26 -10.33 14.93
C VAL A 224 12.86 -10.94 16.27
N ALA A 225 12.06 -10.21 17.04
CA ALA A 225 11.60 -10.71 18.33
C ALA A 225 10.89 -12.04 18.17
N PRO A 226 11.31 -13.08 18.89
CA PRO A 226 10.57 -14.34 18.88
C PRO A 226 9.41 -14.32 19.85
N MET A 227 8.38 -15.09 19.51
CA MET A 227 7.22 -15.26 20.38
C MET A 227 7.63 -16.01 21.65
N LYS A 228 6.85 -15.84 22.72
CA LYS A 228 7.16 -16.57 23.94
C LYS A 228 6.74 -18.04 23.87
N HIS A 229 5.94 -18.44 22.89
CA HIS A 229 5.48 -19.83 22.80
C HIS A 229 5.61 -20.35 21.37
N ARG A 230 6.35 -21.45 21.21
CA ARG A 230 6.43 -22.13 19.93
C ARG A 230 5.05 -22.56 19.49
N ARG A 231 4.79 -22.48 18.18
CA ARG A 231 3.51 -22.89 17.64
C ARG A 231 3.61 -23.08 16.14
N SER A 232 2.90 -24.07 15.62
CA SER A 232 2.65 -24.25 14.20
C SER A 232 1.15 -24.37 13.97
N ALA A 233 0.77 -24.27 12.70
CA ALA A 233 -0.65 -24.26 12.29
C ALA A 233 -1.41 -23.13 12.99
N LEU A 234 -0.75 -22.01 13.15
CA LEU A 234 -1.34 -20.87 13.83
C LEU A 234 -2.05 -19.96 12.83
N GLY A 235 -3.00 -19.20 13.36
CA GLY A 235 -3.58 -18.12 12.60
C GLY A 235 -2.78 -16.87 12.82
N ILE A 236 -2.74 -16.01 11.81
CA ILE A 236 -1.97 -14.76 11.93
C ILE A 236 -2.72 -13.66 11.21
N THR A 237 -2.64 -12.46 11.79
CA THR A 237 -3.17 -11.26 11.16
C THR A 237 -2.51 -10.06 11.83
N VAL A 238 -2.51 -8.94 11.11
CA VAL A 238 -2.04 -7.68 11.65
C VAL A 238 -3.24 -6.76 11.86
N HIS A 239 -3.27 -6.09 13.03
CA HIS A 239 -4.34 -5.19 13.40
C HIS A 239 -3.69 -3.92 13.92
N GLN A 240 -4.09 -2.77 13.37
CA GLN A 240 -3.50 -1.46 13.67
C GLN A 240 -1.99 -1.55 13.92
N GLY A 241 -1.28 -2.18 12.97
CA GLY A 241 0.17 -2.11 12.99
C GLY A 241 0.87 -3.04 13.96
N ARG A 242 0.20 -4.08 14.42
CA ARG A 242 0.82 -5.05 15.32
C ARG A 242 0.38 -6.45 14.91
N ILE A 243 1.26 -7.41 15.10
CA ILE A 243 1.01 -8.78 14.64
C ILE A 243 0.33 -9.56 15.76
N TYR A 244 -0.80 -10.18 15.44
CA TYR A 244 -1.46 -11.10 16.36
C TYR A 244 -1.33 -12.51 15.80
N VAL A 245 -0.81 -13.43 16.60
CA VAL A 245 -0.79 -14.85 16.26
C VAL A 245 -1.74 -15.57 17.19
N LEU A 246 -2.45 -16.56 16.65
CA LEU A 246 -3.66 -17.10 17.27
C LEU A 246 -3.61 -18.63 17.32
N GLY A 247 -3.69 -19.17 18.54
CA GLY A 247 -3.70 -20.60 18.78
C GLY A 247 -2.56 -21.34 18.12
N GLY A 248 -2.87 -22.52 17.59
CA GLY A 248 -1.90 -23.39 17.00
C GLY A 248 -1.63 -24.61 17.87
N TYR A 249 -0.58 -25.31 17.52
CA TYR A 249 -0.19 -26.55 18.17
C TYR A 249 1.30 -26.47 18.49
N ASP A 250 1.69 -26.88 19.69
CA ASP A 250 3.10 -26.87 20.07
C ASP A 250 3.67 -28.27 20.26
N GLY A 251 3.02 -29.29 19.71
CA GLY A 251 3.46 -30.65 19.90
C GLY A 251 2.86 -31.36 21.10
N HIS A 252 2.22 -30.64 22.00
CA HIS A 252 1.62 -31.25 23.18
C HIS A 252 0.18 -30.82 23.41
N THR A 253 -0.10 -29.52 23.26
CA THR A 253 -1.44 -28.99 23.55
C THR A 253 -1.84 -28.05 22.42
N PHE A 254 -3.15 -27.81 22.30
CA PHE A 254 -3.68 -26.85 21.34
C PHE A 254 -3.76 -25.49 22.02
N LEU A 255 -2.97 -24.54 21.51
CA LEU A 255 -2.83 -23.26 22.17
C LEU A 255 -4.11 -22.46 22.08
N ASP A 256 -4.51 -21.85 23.18
CA ASP A 256 -5.44 -20.74 23.13
C ASP A 256 -4.74 -19.39 23.30
N SER A 257 -3.44 -19.40 23.57
CA SER A 257 -2.67 -18.17 23.70
C SER A 257 -2.71 -17.36 22.40
N VAL A 258 -2.97 -16.06 22.54
CA VAL A 258 -2.85 -15.12 21.44
C VAL A 258 -1.79 -14.10 21.83
N GLU A 259 -0.75 -14.00 21.01
CA GLU A 259 0.38 -13.12 21.26
C GLU A 259 0.32 -11.92 20.32
N CYS A 260 0.93 -10.81 20.76
CA CYS A 260 0.93 -9.57 20.00
C CYS A 260 2.35 -9.04 19.91
N TYR A 261 2.82 -8.82 18.68
CA TYR A 261 4.18 -8.36 18.41
C TYR A 261 4.16 -6.86 18.14
N ASP A 262 4.92 -6.11 18.93
CA ASP A 262 5.04 -4.67 18.75
C ASP A 262 6.27 -4.40 17.88
N PRO A 263 6.10 -3.92 16.65
CA PRO A 263 7.28 -3.76 15.78
C PRO A 263 8.21 -2.65 16.25
N ASP A 264 7.68 -1.63 16.93
CA ASP A 264 8.50 -0.53 17.40
C ASP A 264 9.41 -0.93 18.56
N THR A 265 8.92 -1.80 19.45
CA THR A 265 9.74 -2.27 20.56
C THR A 265 10.42 -3.60 20.27
N ASP A 266 10.07 -4.25 19.16
CA ASP A 266 10.51 -5.61 18.87
C ASP A 266 10.27 -6.51 20.09
N THR A 267 9.02 -6.52 20.57
CA THR A 267 8.67 -7.36 21.70
C THR A 267 7.29 -8.00 21.49
N TRP A 268 7.13 -9.21 22.02
CA TRP A 268 5.88 -9.94 22.00
C TRP A 268 5.27 -9.90 23.40
N SER A 269 3.96 -9.84 23.48
CA SER A 269 3.28 -9.95 24.77
C SER A 269 1.94 -10.65 24.59
N GLU A 270 1.58 -11.45 25.59
CA GLU A 270 0.35 -12.20 25.55
C GLU A 270 -0.80 -11.28 25.95
N VAL A 271 -1.78 -11.13 25.06
CA VAL A 271 -2.88 -10.20 25.30
C VAL A 271 -4.16 -10.93 25.67
N THR A 272 -4.39 -12.12 25.13
CA THR A 272 -5.64 -12.81 25.37
C THR A 272 -5.43 -14.31 25.24
N ARG A 273 -6.43 -15.04 25.72
CA ARG A 273 -6.60 -16.46 25.48
C ARG A 273 -7.87 -16.61 24.66
N MET A 274 -7.82 -17.43 23.60
CA MET A 274 -9.06 -17.66 22.86
C MET A 274 -10.04 -18.43 23.75
N THR A 275 -11.28 -18.53 23.28
CA THR A 275 -12.31 -19.21 24.07
C THR A 275 -11.94 -20.65 24.36
N SER A 276 -11.13 -21.26 23.49
CA SER A 276 -10.67 -22.64 23.65
C SER A 276 -9.50 -22.82 22.70
N GLY A 277 -8.55 -23.66 23.09
CA GLY A 277 -7.39 -23.91 22.26
C GLY A 277 -7.79 -24.59 20.96
N ARG A 278 -7.11 -24.20 19.88
CA ARG A 278 -7.37 -24.80 18.57
C ARG A 278 -6.24 -24.44 17.63
N SER A 279 -6.08 -25.25 16.58
CA SER A 279 -5.10 -25.00 15.56
C SER A 279 -5.79 -24.98 14.21
N GLY A 280 -5.05 -24.51 13.21
CA GLY A 280 -5.45 -24.60 11.81
C GLY A 280 -6.63 -23.72 11.44
N VAL A 281 -6.70 -22.52 11.99
CA VAL A 281 -7.83 -21.64 11.73
C VAL A 281 -7.58 -20.82 10.48
N GLY A 282 -8.65 -20.20 9.98
CA GLY A 282 -8.54 -19.09 9.05
C GLY A 282 -8.76 -17.80 9.81
N VAL A 283 -7.91 -16.81 9.54
CA VAL A 283 -7.98 -15.52 10.24
C VAL A 283 -7.96 -14.40 9.21
N ALA A 284 -8.68 -13.32 9.53
CA ALA A 284 -8.69 -12.06 8.78
C ALA A 284 -9.31 -11.00 9.69
N VAL A 285 -9.19 -9.74 9.26
CA VAL A 285 -9.74 -8.59 9.99
C VAL A 285 -10.74 -7.88 9.08
N THR A 286 -11.91 -7.56 9.63
CA THR A 286 -12.86 -6.67 8.94
C THR A 286 -13.82 -5.98 9.93
N GLY B 2 -19.08 13.22 -8.44
CA GLY B 2 -18.53 14.16 -9.40
C GLY B 2 -17.31 14.89 -8.86
N ARG B 3 -16.16 14.73 -9.52
CA ARG B 3 -14.90 15.23 -9.00
C ARG B 3 -14.27 16.16 -10.04
N LEU B 4 -13.55 17.16 -9.55
CA LEU B 4 -12.90 18.15 -10.41
C LEU B 4 -11.41 18.20 -10.12
N ILE B 5 -10.68 18.84 -11.04
CA ILE B 5 -9.24 19.04 -10.92
C ILE B 5 -9.04 20.46 -10.42
N TYR B 6 -8.60 20.59 -9.17
CA TYR B 6 -8.41 21.91 -8.58
C TYR B 6 -6.96 22.34 -8.75
N THR B 7 -6.74 23.60 -9.14
CA THR B 7 -5.41 24.18 -9.24
C THR B 7 -5.35 25.38 -8.30
N ALA B 8 -4.41 25.35 -7.35
CA ALA B 8 -4.30 26.43 -6.38
C ALA B 8 -3.00 27.20 -6.59
N GLY B 9 -3.09 28.53 -6.53
CA GLY B 9 -1.87 29.33 -6.54
C GLY B 9 -1.17 29.32 -7.90
N GLY B 10 0.14 29.54 -7.87
CA GLY B 10 0.95 29.56 -9.07
C GLY B 10 1.73 30.85 -9.22
N TYR B 11 2.42 30.94 -10.35
CA TYR B 11 3.28 32.08 -10.65
C TYR B 11 3.05 32.51 -12.08
N PHE B 12 2.74 33.77 -12.25
CA PHE B 12 2.71 34.36 -13.57
C PHE B 12 3.10 35.78 -13.23
N ARG B 13 4.40 36.04 -13.17
CA ARG B 13 4.83 37.40 -12.95
C ARG B 13 4.96 37.76 -11.51
N GLN B 14 4.12 37.17 -10.70
CA GLN B 14 4.04 37.34 -9.27
C GLN B 14 3.29 36.11 -8.81
N SER B 15 3.35 35.84 -7.51
CA SER B 15 2.60 34.69 -7.02
C SER B 15 1.10 35.01 -7.04
N LEU B 16 0.30 33.95 -7.11
CA LEU B 16 -1.12 34.06 -7.42
C LEU B 16 -1.95 33.47 -6.31
N SER B 17 -3.20 33.94 -6.21
CA SER B 17 -4.17 33.44 -5.23
C SER B 17 -5.28 32.61 -5.86
N TYR B 18 -5.22 32.34 -7.16
CA TYR B 18 -6.34 31.68 -7.83
C TYR B 18 -6.60 30.30 -7.23
N LEU B 19 -7.89 29.96 -7.10
CA LEU B 19 -8.30 28.57 -6.96
C LEU B 19 -9.36 28.33 -8.02
N GLU B 20 -9.04 27.48 -8.99
CA GLU B 20 -9.92 27.14 -10.10
C GLU B 20 -10.00 25.63 -10.21
N ALA B 21 -11.15 25.13 -10.66
CA ALA B 21 -11.39 23.70 -10.72
C ALA B 21 -11.89 23.35 -12.11
N TYR B 22 -11.25 22.36 -12.72
CA TYR B 22 -11.54 21.99 -14.10
C TYR B 22 -12.43 20.75 -14.14
N ASN B 23 -13.43 20.81 -15.01
CA ASN B 23 -14.35 19.70 -15.19
C ASN B 23 -14.02 18.96 -16.47
N PRO B 24 -13.38 17.79 -16.42
CA PRO B 24 -12.96 17.13 -17.67
C PRO B 24 -14.11 16.71 -18.57
N SER B 25 -15.34 16.69 -18.05
CA SER B 25 -16.50 16.30 -18.85
C SER B 25 -17.12 17.50 -19.59
N ASP B 26 -17.45 18.57 -18.89
CA ASP B 26 -18.11 19.69 -19.57
C ASP B 26 -17.13 20.81 -19.94
N GLY B 27 -15.87 20.68 -19.57
CA GLY B 27 -14.80 21.57 -20.04
C GLY B 27 -14.62 22.86 -19.27
N THR B 28 -15.46 23.15 -18.28
CA THR B 28 -15.43 24.44 -17.62
C THR B 28 -14.30 24.55 -16.59
N TRP B 29 -13.94 25.81 -16.32
CA TRP B 29 -13.13 26.19 -15.16
C TRP B 29 -14.00 26.97 -14.20
N LEU B 30 -14.15 26.47 -12.98
CA LEU B 30 -14.87 27.21 -11.96
C LEU B 30 -13.92 28.04 -11.13
N ARG B 31 -14.27 29.31 -10.92
CA ARG B 31 -13.50 30.20 -10.10
C ARG B 31 -14.02 30.11 -8.67
N LEU B 32 -13.14 29.78 -7.73
CA LEU B 32 -13.50 29.51 -6.35
C LEU B 32 -12.86 30.56 -5.44
N ALA B 33 -12.99 30.35 -4.13
CA ALA B 33 -12.42 31.28 -3.15
C ALA B 33 -10.91 31.40 -3.33
N ASP B 34 -10.43 32.64 -3.44
CA ASP B 34 -9.00 32.92 -3.47
C ASP B 34 -8.30 32.37 -2.22
N LEU B 35 -7.06 31.89 -2.41
CA LEU B 35 -6.16 31.69 -1.28
C LEU B 35 -6.07 32.96 -0.43
N GLN B 36 -5.87 32.76 0.87
CA GLN B 36 -5.68 33.90 1.77
C GLN B 36 -4.39 34.64 1.41
N VAL B 37 -3.36 33.92 0.99
CA VAL B 37 -2.06 34.49 0.63
C VAL B 37 -1.65 34.00 -0.76
N PRO B 38 -1.27 34.87 -1.68
CA PRO B 38 -0.69 34.41 -2.95
C PRO B 38 0.52 33.50 -2.72
N ARG B 39 0.55 32.35 -3.40
CA ARG B 39 1.68 31.43 -3.25
C ARG B 39 1.98 30.72 -4.56
N SER B 40 3.27 30.65 -4.91
CA SER B 40 3.77 29.81 -5.98
C SER B 40 4.65 28.72 -5.38
N GLY B 41 4.84 27.64 -6.12
CA GLY B 41 5.71 26.57 -5.65
C GLY B 41 5.17 25.84 -4.45
N LEU B 42 3.86 25.84 -4.27
CA LEU B 42 3.21 25.08 -3.22
C LEU B 42 2.86 23.70 -3.76
N ALA B 43 2.24 22.88 -2.92
CA ALA B 43 1.69 21.63 -3.39
C ALA B 43 0.27 21.51 -2.85
N GLY B 44 -0.53 20.71 -3.55
CA GLY B 44 -1.88 20.43 -3.14
C GLY B 44 -2.01 18.95 -2.85
N CYS B 45 -2.92 18.60 -1.95
CA CYS B 45 -3.34 17.23 -1.82
C CYS B 45 -4.70 17.24 -1.17
N VAL B 46 -5.30 16.06 -1.05
CA VAL B 46 -6.66 15.88 -0.53
C VAL B 46 -6.61 14.87 0.59
N VAL B 47 -7.21 15.19 1.74
CA VAL B 47 -7.46 14.23 2.80
C VAL B 47 -8.91 14.40 3.27
N GLY B 48 -9.62 13.29 3.39
CA GLY B 48 -11.03 13.36 3.76
C GLY B 48 -11.83 14.36 2.95
N GLY B 49 -11.57 14.41 1.64
CA GLY B 49 -12.31 15.29 0.77
C GLY B 49 -11.95 16.75 0.86
N LEU B 50 -11.11 17.15 1.81
CA LEU B 50 -10.68 18.53 1.95
C LEU B 50 -9.42 18.77 1.13
N LEU B 51 -9.35 19.93 0.46
CA LEU B 51 -8.17 20.29 -0.34
C LEU B 51 -7.20 21.10 0.52
N TYR B 52 -5.91 20.72 0.47
CA TYR B 52 -4.87 21.35 1.28
C TYR B 52 -3.86 22.03 0.35
N ALA B 53 -3.51 23.28 0.68
CA ALA B 53 -2.43 24.01 -0.01
C ALA B 53 -1.24 24.08 0.95
N VAL B 54 -0.08 23.58 0.53
CA VAL B 54 1.05 23.35 1.43
C VAL B 54 2.29 24.09 0.94
N GLY B 55 2.85 24.94 1.80
CA GLY B 55 4.12 25.59 1.55
C GLY B 55 4.06 26.62 0.44
N GLY B 56 5.16 26.73 -0.29
CA GLY B 56 5.25 27.68 -1.38
C GLY B 56 5.95 28.96 -0.98
N ARG B 57 5.64 30.01 -1.73
CA ARG B 57 6.35 31.26 -1.56
C ARG B 57 5.46 32.39 -2.06
N ASN B 58 5.49 33.52 -1.34
CA ASN B 58 4.71 34.71 -1.72
C ASN B 58 5.68 35.67 -2.38
N ASN B 59 5.71 35.65 -3.72
CA ASN B 59 6.43 36.65 -4.49
C ASN B 59 5.47 37.77 -4.82
N SER B 60 5.78 38.97 -4.33
CA SER B 60 4.91 40.10 -4.50
C SER B 60 5.73 41.31 -4.91
N PRO B 61 5.11 42.29 -5.56
CA PRO B 61 5.80 43.58 -5.72
C PRO B 61 6.22 44.18 -4.38
N ASP B 62 5.56 43.78 -3.28
CA ASP B 62 5.83 44.28 -1.94
C ASP B 62 6.99 43.57 -1.24
N GLY B 63 7.33 42.36 -1.67
CA GLY B 63 8.30 41.56 -0.96
C GLY B 63 8.14 40.09 -1.30
N ASN B 64 9.11 39.32 -0.83
CA ASN B 64 9.19 37.89 -1.15
C ASN B 64 9.47 37.14 0.13
N THR B 65 8.64 36.13 0.42
CA THR B 65 8.77 35.34 1.63
C THR B 65 8.35 33.91 1.34
N ASP B 66 9.20 32.95 1.67
CA ASP B 66 8.78 31.55 1.62
C ASP B 66 7.69 31.30 2.68
N SER B 67 6.92 30.23 2.49
CA SER B 67 5.75 30.01 3.32
C SER B 67 5.82 28.63 3.98
N SER B 68 5.53 28.61 5.28
CA SER B 68 5.29 27.37 5.99
C SER B 68 3.80 27.03 6.08
N ALA B 69 2.94 27.76 5.38
CA ALA B 69 1.52 27.74 5.70
C ALA B 69 0.89 26.42 5.26
N LEU B 70 -0.06 25.96 6.07
CA LEU B 70 -0.99 24.92 5.64
C LEU B 70 -2.39 25.52 5.68
N ASP B 71 -3.09 25.42 4.57
CA ASP B 71 -4.44 25.95 4.48
C ASP B 71 -5.34 24.92 3.82
N CYS B 72 -6.60 24.89 4.25
CA CYS B 72 -7.53 23.82 3.90
C CYS B 72 -8.79 24.38 3.26
N TYR B 73 -9.12 23.90 2.07
CA TYR B 73 -10.29 24.36 1.33
C TYR B 73 -11.42 23.34 1.42
N ASN B 74 -12.62 23.79 1.82
CA ASN B 74 -13.78 22.91 1.87
C ASN B 74 -14.72 23.19 0.69
N PRO B 75 -14.83 22.27 -0.26
CA PRO B 75 -15.75 22.49 -1.40
C PRO B 75 -17.21 22.62 -0.98
N MET B 76 -17.61 22.11 0.18
CA MET B 76 -19.00 22.26 0.60
C MET B 76 -19.32 23.67 1.08
N THR B 77 -18.31 24.43 1.53
CA THR B 77 -18.52 25.80 1.98
C THR B 77 -17.87 26.82 1.06
N ASN B 78 -17.06 26.38 0.10
CA ASN B 78 -16.23 27.27 -0.72
C ASN B 78 -15.46 28.26 0.16
N GLN B 79 -14.79 27.71 1.19
CA GLN B 79 -14.09 28.54 2.15
C GLN B 79 -12.76 27.92 2.52
N TRP B 80 -11.72 28.78 2.58
CA TRP B 80 -10.41 28.39 3.09
C TRP B 80 -10.34 28.57 4.60
N SER B 81 -9.74 27.59 5.27
CA SER B 81 -9.40 27.78 6.67
C SER B 81 -7.93 27.46 6.89
N PRO B 82 -7.25 28.23 7.73
CA PRO B 82 -5.85 27.93 8.02
C PRO B 82 -5.72 26.74 8.93
N CYS B 83 -4.59 26.07 8.79
CA CYS B 83 -4.18 25.02 9.71
C CYS B 83 -2.89 25.42 10.43
N ALA B 84 -2.39 24.50 11.25
CA ALA B 84 -1.11 24.73 11.88
C ALA B 84 -0.01 24.72 10.82
N PRO B 85 0.97 25.60 10.94
CA PRO B 85 2.03 25.66 9.92
C PRO B 85 3.09 24.60 10.12
N MET B 86 3.84 24.33 9.05
CA MET B 86 5.01 23.49 9.17
C MET B 86 6.04 24.15 10.10
N SER B 87 7.04 23.36 10.49
CA SER B 87 8.10 23.85 11.36
C SER B 87 9.00 24.86 10.63
N VAL B 88 9.09 24.78 9.30
CA VAL B 88 9.93 25.68 8.52
C VAL B 88 9.20 26.02 7.24
N PRO B 89 9.53 27.15 6.61
CA PRO B 89 9.00 27.43 5.28
C PRO B 89 9.64 26.53 4.23
N ARG B 90 8.84 26.18 3.21
CA ARG B 90 9.23 25.21 2.19
C ARG B 90 8.68 25.68 0.84
N ASN B 91 9.52 26.37 0.09
CA ASN B 91 9.21 26.71 -1.28
C ASN B 91 9.61 25.55 -2.18
N ARG B 92 8.81 25.31 -3.23
CA ARG B 92 9.06 24.22 -4.18
C ARG B 92 9.11 22.87 -3.46
N ILE B 93 8.10 22.69 -2.61
CA ILE B 93 7.91 21.53 -1.77
C ILE B 93 7.32 20.37 -2.59
N GLY B 94 7.43 19.16 -2.03
CA GLY B 94 6.64 18.02 -2.49
C GLY B 94 5.83 17.47 -1.34
N VAL B 95 4.65 16.92 -1.65
CA VAL B 95 3.83 16.30 -0.61
C VAL B 95 3.24 14.99 -1.12
N GLY B 96 2.94 14.12 -0.16
CA GLY B 96 2.18 12.91 -0.42
C GLY B 96 1.39 12.55 0.81
N VAL B 97 0.36 11.73 0.62
CA VAL B 97 -0.58 11.38 1.67
C VAL B 97 -0.43 9.89 1.94
N ILE B 98 -0.24 9.54 3.22
CA ILE B 98 -0.23 8.15 3.68
C ILE B 98 -1.14 8.02 4.90
N ASP B 99 -2.14 7.16 4.81
CA ASP B 99 -3.03 6.85 5.94
C ASP B 99 -3.60 8.13 6.55
N GLY B 100 -4.15 8.99 5.70
CA GLY B 100 -4.75 10.22 6.16
C GLY B 100 -3.80 11.25 6.73
N HIS B 101 -2.49 11.10 6.52
CA HIS B 101 -1.49 12.03 7.01
C HIS B 101 -0.72 12.64 5.84
N ILE B 102 -0.43 13.95 5.92
CA ILE B 102 0.26 14.67 4.87
C ILE B 102 1.75 14.72 5.21
N TYR B 103 2.57 14.33 4.24
CA TYR B 103 4.02 14.39 4.40
C TYR B 103 4.54 15.56 3.55
N ALA B 104 5.19 16.51 4.21
CA ALA B 104 5.86 17.62 3.54
C ALA B 104 7.34 17.31 3.40
N VAL B 105 7.86 17.43 2.18
CA VAL B 105 9.16 16.93 1.78
C VAL B 105 10.00 18.04 1.13
N GLY B 106 11.18 18.30 1.70
CA GLY B 106 12.18 19.08 0.98
C GLY B 106 11.75 20.53 0.85
N GLY B 107 12.09 21.12 -0.29
CA GLY B 107 11.82 22.53 -0.53
C GLY B 107 12.95 23.41 -0.02
N SER B 108 12.77 24.71 -0.17
CA SER B 108 13.81 25.63 0.27
C SER B 108 13.23 26.70 1.18
N HIS B 109 14.15 27.37 1.89
CA HIS B 109 13.86 28.55 2.71
C HIS B 109 15.07 29.46 2.58
N GLY B 110 14.98 30.47 1.72
CA GLY B 110 16.16 31.30 1.46
C GLY B 110 17.26 30.46 0.85
N CYS B 111 18.44 30.52 1.46
CA CYS B 111 19.56 29.72 0.98
C CYS B 111 19.53 28.29 1.49
N ILE B 112 18.57 27.94 2.35
CA ILE B 112 18.53 26.62 2.95
C ILE B 112 17.80 25.68 2.01
N HIS B 113 18.45 24.58 1.67
CA HIS B 113 17.85 23.52 0.86
C HIS B 113 17.54 22.37 1.81
N HIS B 114 16.25 22.11 2.05
CA HIS B 114 15.87 21.12 3.06
C HIS B 114 16.11 19.70 2.60
N ASN B 115 16.65 18.86 3.49
CA ASN B 115 16.39 17.44 3.41
C ASN B 115 15.37 16.97 4.44
N SER B 116 14.89 17.87 5.29
CA SER B 116 13.96 17.48 6.35
C SER B 116 12.58 17.17 5.80
N VAL B 117 11.83 16.39 6.59
CA VAL B 117 10.51 15.88 6.21
C VAL B 117 9.64 15.90 7.47
N GLU B 118 8.38 16.29 7.31
CA GLU B 118 7.49 16.33 8.47
C GLU B 118 6.10 15.88 8.08
N ARG B 119 5.30 15.56 9.09
CA ARG B 119 4.05 14.83 8.91
C ARG B 119 2.92 15.58 9.59
N TYR B 120 1.84 15.83 8.85
CA TYR B 120 0.68 16.53 9.37
C TYR B 120 -0.41 15.54 9.70
N GLU B 121 -1.01 15.68 10.89
CA GLU B 121 -2.12 14.85 11.34
C GLU B 121 -3.41 15.68 11.40
N PRO B 122 -4.28 15.59 10.38
CA PRO B 122 -5.50 16.41 10.36
C PRO B 122 -6.34 16.32 11.62
N GLU B 123 -6.43 15.14 12.23
CA GLU B 123 -7.30 15.00 13.38
C GLU B 123 -6.78 15.75 14.60
N ARG B 124 -5.48 16.01 14.68
CA ARG B 124 -4.93 16.78 15.79
C ARG B 124 -4.49 18.18 15.41
N ASP B 125 -4.46 18.52 14.12
CA ASP B 125 -3.92 19.81 13.64
C ASP B 125 -2.50 20.01 14.17
N GLU B 126 -1.63 19.04 13.85
CA GLU B 126 -0.28 18.98 14.40
C GLU B 126 0.70 18.46 13.35
N TRP B 127 1.85 19.10 13.30
CA TRP B 127 2.97 18.67 12.49
C TRP B 127 4.03 18.03 13.38
N HIS B 128 4.63 16.96 12.89
CA HIS B 128 5.70 16.30 13.62
C HIS B 128 6.82 16.03 12.65
N LEU B 129 8.05 16.33 13.06
CA LEU B 129 9.20 16.13 12.20
C LEU B 129 9.56 14.65 12.15
N VAL B 130 9.83 14.13 10.95
CA VAL B 130 10.25 12.74 10.87
C VAL B 130 11.65 12.62 10.30
N ALA B 131 12.03 11.41 9.91
CA ALA B 131 13.39 11.17 9.46
C ALA B 131 13.68 12.01 8.21
N PRO B 132 14.83 12.66 8.13
CA PRO B 132 15.14 13.44 6.93
C PRO B 132 15.55 12.53 5.78
N MET B 133 15.37 13.04 4.58
CA MET B 133 15.84 12.36 3.37
C MET B 133 17.36 12.22 3.39
N LEU B 134 17.85 11.29 2.58
CA LEU B 134 19.28 11.17 2.35
C LEU B 134 19.84 12.37 1.62
N THR B 135 18.98 13.14 0.95
CA THR B 135 19.35 14.16 -0.01
C THR B 135 18.56 15.44 0.23
N ARG B 136 19.22 16.59 0.11
CA ARG B 136 18.51 17.87 0.08
C ARG B 136 17.88 18.06 -1.29
N ARG B 137 16.57 18.29 -1.32
CA ARG B 137 15.83 18.30 -2.58
C ARG B 137 14.87 19.47 -2.62
N ILE B 138 15.17 20.43 -3.47
CA ILE B 138 14.25 21.51 -3.80
C ILE B 138 13.57 21.15 -5.10
N GLY B 139 12.29 21.50 -5.23
CA GLY B 139 11.55 21.16 -6.44
C GLY B 139 11.48 19.66 -6.65
N VAL B 140 11.26 18.93 -5.57
CA VAL B 140 11.23 17.46 -5.54
C VAL B 140 9.83 16.99 -5.89
N GLY B 141 9.72 15.93 -6.69
CA GLY B 141 8.41 15.31 -6.94
C GLY B 141 8.17 14.16 -5.97
N VAL B 142 6.93 14.06 -5.48
CA VAL B 142 6.60 13.14 -4.41
C VAL B 142 5.40 12.31 -4.81
N ALA B 143 5.47 11.01 -4.55
CA ALA B 143 4.32 10.15 -4.83
C ALA B 143 4.30 9.00 -3.83
N VAL B 144 3.09 8.51 -3.57
CA VAL B 144 2.87 7.41 -2.64
C VAL B 144 2.38 6.22 -3.44
N LEU B 145 3.09 5.10 -3.32
CA LEU B 145 2.72 3.86 -3.97
C LEU B 145 2.74 2.78 -2.91
N ASN B 146 1.62 2.07 -2.77
CA ASN B 146 1.44 1.03 -1.76
C ASN B 146 1.88 1.51 -0.38
N ARG B 147 1.44 2.71 -0.03
CA ARG B 147 1.68 3.30 1.28
C ARG B 147 3.17 3.50 1.57
N LEU B 148 3.98 3.65 0.54
CA LEU B 148 5.33 4.16 0.72
C LEU B 148 5.51 5.43 -0.09
N LEU B 149 6.37 6.29 0.43
CA LEU B 149 6.53 7.67 -0.02
C LEU B 149 7.83 7.79 -0.81
N TYR B 150 7.72 8.18 -2.07
CA TYR B 150 8.88 8.32 -2.95
C TYR B 150 9.14 9.81 -3.21
N ALA B 151 10.41 10.20 -3.08
CA ALA B 151 10.86 11.54 -3.42
C ALA B 151 11.78 11.41 -4.63
N VAL B 152 11.50 12.19 -5.68
CA VAL B 152 12.06 11.93 -7.00
C VAL B 152 12.66 13.22 -7.56
N GLY B 153 13.94 13.18 -7.92
CA GLY B 153 14.56 14.33 -8.58
C GLY B 153 14.78 15.51 -7.65
N GLY B 154 14.70 16.71 -8.22
CA GLY B 154 14.93 17.94 -7.46
C GLY B 154 16.28 18.59 -7.71
N PHE B 155 16.59 19.56 -6.86
CA PHE B 155 17.78 20.41 -6.96
C PHE B 155 18.37 20.51 -5.56
N ASP B 156 19.64 20.15 -5.39
CA ASP B 156 20.21 20.18 -4.05
C ASP B 156 20.89 21.50 -3.72
N GLY B 157 20.67 22.54 -4.52
CA GLY B 157 21.33 23.82 -4.38
C GLY B 157 22.57 23.97 -5.25
N THR B 158 23.09 22.88 -5.80
CA THR B 158 24.30 22.91 -6.63
C THR B 158 24.06 22.08 -7.87
N ASN B 159 23.46 20.89 -7.69
CA ASN B 159 23.27 19.95 -8.78
C ASN B 159 21.80 19.58 -8.86
N ARG B 160 21.30 19.41 -10.08
CA ARG B 160 20.01 18.79 -10.27
C ARG B 160 20.17 17.26 -10.29
N LEU B 161 19.06 16.56 -10.03
CA LEU B 161 19.14 15.18 -9.56
C LEU B 161 18.26 14.26 -10.38
N ASN B 162 18.77 13.06 -10.69
CA ASN B 162 17.92 11.99 -11.18
C ASN B 162 17.69 10.92 -10.13
N SER B 163 18.35 11.00 -8.99
CA SER B 163 18.19 10.01 -7.94
C SER B 163 16.77 10.05 -7.38
N ALA B 164 16.40 8.95 -6.70
CA ALA B 164 15.11 8.84 -6.02
C ALA B 164 15.30 8.01 -4.77
N GLU B 165 14.54 8.34 -3.73
CA GLU B 165 14.56 7.58 -2.49
C GLU B 165 13.15 7.29 -2.01
N CYS B 166 13.08 6.32 -1.11
CA CYS B 166 11.82 5.73 -0.70
C CYS B 166 11.73 5.86 0.82
N TYR B 167 10.59 6.34 1.32
CA TYR B 167 10.36 6.49 2.75
C TYR B 167 9.43 5.40 3.27
N TYR B 168 9.82 4.75 4.37
CA TYR B 168 9.04 3.68 4.99
C TYR B 168 8.34 4.24 6.22
N PRO B 169 7.03 4.51 6.16
CA PRO B 169 6.40 5.33 7.21
C PRO B 169 6.45 4.71 8.60
N GLU B 170 6.31 3.40 8.71
CA GLU B 170 6.29 2.77 10.01
C GLU B 170 7.67 2.37 10.51
N ARG B 171 8.64 2.25 9.62
CA ARG B 171 10.02 2.11 10.05
C ARG B 171 10.71 3.45 10.24
N ASN B 172 10.16 4.53 9.67
CA ASN B 172 10.72 5.88 9.78
C ASN B 172 12.16 5.93 9.25
N GLU B 173 12.32 5.51 8.00
CA GLU B 173 13.64 5.56 7.40
C GLU B 173 13.53 5.73 5.90
N TRP B 174 14.56 6.34 5.33
CA TRP B 174 14.66 6.58 3.89
C TRP B 174 15.69 5.63 3.29
N ARG B 175 15.39 5.11 2.11
CA ARG B 175 16.31 4.25 1.38
C ARG B 175 16.36 4.66 -0.08
N MET B 176 17.57 4.73 -0.63
CA MET B 176 17.77 5.09 -2.03
C MET B 176 17.26 4.00 -2.94
N ILE B 177 16.54 4.37 -4.01
CA ILE B 177 16.13 3.36 -4.97
C ILE B 177 16.84 3.64 -6.29
N THR B 178 16.44 2.92 -7.35
CA THR B 178 17.01 3.17 -8.67
C THR B 178 16.77 4.61 -9.14
N ALA B 179 17.82 5.24 -9.63
CA ALA B 179 17.72 6.58 -10.17
C ALA B 179 16.92 6.60 -11.47
N MET B 180 16.27 7.71 -11.74
CA MET B 180 15.65 7.91 -13.05
C MET B 180 16.69 7.89 -14.15
N ASN B 181 16.20 7.69 -15.38
CA ASN B 181 17.03 7.89 -16.55
C ASN B 181 17.47 9.34 -16.69
N THR B 182 16.62 10.28 -16.31
CA THR B 182 16.77 11.69 -16.64
C THR B 182 16.84 12.54 -15.38
N ILE B 183 17.85 13.40 -15.30
CA ILE B 183 17.88 14.41 -14.24
C ILE B 183 16.68 15.34 -14.40
N ARG B 184 16.01 15.64 -13.30
CA ARG B 184 14.80 16.45 -13.35
C ARG B 184 14.57 17.21 -12.06
N SER B 185 14.42 18.53 -12.17
CA SER B 185 13.91 19.35 -11.09
CA SER B 185 13.93 19.38 -11.10
C SER B 185 12.59 19.96 -11.52
N GLY B 186 11.67 20.07 -10.58
CA GLY B 186 10.36 20.64 -10.91
C GLY B 186 9.56 19.79 -11.87
N ALA B 187 9.77 18.48 -11.86
CA ALA B 187 8.95 17.57 -12.63
C ALA B 187 7.61 17.36 -11.93
N GLY B 188 6.63 16.89 -12.70
CA GLY B 188 5.39 16.41 -12.12
C GLY B 188 5.48 14.93 -11.87
N VAL B 189 5.24 14.53 -10.62
CA VAL B 189 5.37 13.14 -10.21
C VAL B 189 4.06 12.71 -9.58
N CYS B 190 3.55 11.56 -10.01
CA CYS B 190 2.27 11.05 -9.50
C CYS B 190 2.26 9.54 -9.70
N VAL B 191 1.24 8.88 -9.18
CA VAL B 191 1.09 7.43 -9.27
C VAL B 191 -0.13 7.12 -10.10
N LEU B 192 0.02 6.21 -11.06
CA LEU B 192 -1.09 5.73 -11.88
C LEU B 192 -0.91 4.25 -12.13
N HIS B 193 -1.97 3.47 -11.94
CA HIS B 193 -1.97 2.03 -12.19
C HIS B 193 -0.72 1.36 -11.61
N ASN B 194 -0.47 1.63 -10.33
CA ASN B 194 0.60 0.98 -9.56
C ASN B 194 2.00 1.27 -10.11
N CYS B 195 2.18 2.41 -10.79
CA CYS B 195 3.50 2.91 -11.18
C CYS B 195 3.63 4.38 -10.86
N ILE B 196 4.87 4.82 -10.63
CA ILE B 196 5.18 6.22 -10.40
C ILE B 196 5.60 6.84 -11.73
N TYR B 197 4.97 7.96 -12.10
CA TYR B 197 5.33 8.67 -13.32
C TYR B 197 6.08 9.95 -12.94
N ALA B 198 7.09 10.27 -13.74
CA ALA B 198 7.81 11.52 -13.62
C ALA B 198 7.78 12.16 -14.99
N ALA B 199 7.14 13.33 -15.09
CA ALA B 199 6.90 14.00 -16.36
C ALA B 199 7.54 15.38 -16.35
N GLY B 200 8.33 15.66 -17.38
CA GLY B 200 8.89 17.00 -17.54
C GLY B 200 9.94 17.36 -16.50
N GLY B 201 10.00 18.66 -16.18
CA GLY B 201 11.03 19.14 -15.29
C GLY B 201 12.11 19.91 -16.04
N TYR B 202 13.20 20.16 -15.32
CA TYR B 202 14.32 20.98 -15.79
C TYR B 202 15.61 20.28 -15.39
N ASP B 203 16.51 20.03 -16.35
CA ASP B 203 17.78 19.38 -16.04
C ASP B 203 18.93 20.37 -15.91
N GLY B 204 18.64 21.68 -15.86
CA GLY B 204 19.68 22.68 -15.79
C GLY B 204 20.14 23.18 -17.14
N GLN B 205 19.73 22.55 -18.23
CA GLN B 205 20.03 23.03 -19.56
C GLN B 205 18.71 23.23 -20.29
N ASP B 206 17.82 22.23 -20.23
CA ASP B 206 16.60 22.22 -21.02
C ASP B 206 15.41 21.92 -20.12
N GLN B 207 14.27 22.52 -20.46
CA GLN B 207 13.00 21.99 -19.99
C GLN B 207 12.68 20.73 -20.78
N LEU B 208 11.97 19.81 -20.14
CA LEU B 208 11.82 18.44 -20.63
C LEU B 208 10.37 18.14 -20.99
N ASN B 209 10.17 17.40 -22.08
CA ASN B 209 8.87 16.84 -22.38
C ASN B 209 8.84 15.35 -22.15
N SER B 210 9.95 14.77 -21.69
CA SER B 210 10.01 13.32 -21.52
C SER B 210 9.30 12.90 -20.23
N VAL B 211 8.84 11.66 -20.23
CA VAL B 211 8.03 11.08 -19.17
C VAL B 211 8.52 9.66 -18.94
N GLU B 212 8.78 9.30 -17.69
CA GLU B 212 9.23 7.95 -17.42
C GLU B 212 8.50 7.43 -16.19
N ARG B 213 8.45 6.10 -16.07
CA ARG B 213 7.62 5.52 -15.03
C ARG B 213 8.36 4.37 -14.36
N TYR B 214 8.19 4.33 -13.04
CA TYR B 214 8.86 3.37 -12.19
C TYR B 214 7.92 2.21 -11.92
N ASP B 215 8.40 0.99 -12.12
CA ASP B 215 7.70 -0.23 -11.75
C ASP B 215 8.39 -0.78 -10.52
N VAL B 216 7.68 -0.81 -9.40
CA VAL B 216 8.25 -1.32 -8.15
C VAL B 216 8.71 -2.75 -8.31
N GLU B 217 7.96 -3.54 -9.09
CA GLU B 217 8.26 -4.97 -9.23
C GLU B 217 9.64 -5.22 -9.85
N THR B 218 10.01 -4.44 -10.87
CA THR B 218 11.31 -4.63 -11.50
C THR B 218 12.32 -3.58 -11.07
N GLU B 219 11.93 -2.68 -10.17
CA GLU B 219 12.77 -1.57 -9.71
C GLU B 219 13.46 -0.85 -10.87
N THR B 220 12.67 -0.52 -11.90
CA THR B 220 13.19 -0.02 -13.18
C THR B 220 12.38 1.17 -13.66
N TRP B 221 13.06 2.20 -14.17
CA TRP B 221 12.41 3.31 -14.85
C TRP B 221 12.39 3.07 -16.34
N THR B 222 11.23 3.34 -16.97
CA THR B 222 11.04 3.11 -18.39
C THR B 222 10.39 4.35 -19.00
N PHE B 223 10.90 4.78 -20.15
CA PHE B 223 10.33 5.95 -20.82
C PHE B 223 8.97 5.60 -21.42
N VAL B 224 7.99 6.48 -21.26
CA VAL B 224 6.77 6.30 -22.04
C VAL B 224 6.68 7.47 -23.01
N ALA B 225 5.52 7.66 -23.62
CA ALA B 225 5.36 8.72 -24.61
C ALA B 225 5.72 10.07 -24.00
N PRO B 226 6.33 10.98 -24.75
CA PRO B 226 6.59 12.31 -24.20
C PRO B 226 5.39 13.22 -24.33
N MET B 227 5.29 14.16 -23.39
CA MET B 227 4.32 15.24 -23.49
C MET B 227 4.51 16.03 -24.78
N LYS B 228 3.45 16.72 -25.19
CA LYS B 228 3.60 17.55 -26.37
C LYS B 228 4.37 18.83 -26.09
N HIS B 229 4.38 19.32 -24.85
CA HIS B 229 5.06 20.57 -24.54
C HIS B 229 6.09 20.37 -23.43
N ARG B 230 7.34 20.73 -23.72
CA ARG B 230 8.36 20.82 -22.69
C ARG B 230 7.87 21.76 -21.59
N ARG B 231 8.01 21.34 -20.34
CA ARG B 231 7.55 22.20 -19.25
C ARG B 231 8.24 21.79 -17.95
N SER B 232 8.56 22.79 -17.14
CA SER B 232 9.05 22.66 -15.79
C SER B 232 8.13 23.37 -14.82
N ALA B 233 8.13 22.89 -13.58
CA ALA B 233 7.26 23.44 -12.52
C ALA B 233 5.80 23.36 -12.93
N LEU B 234 5.45 22.26 -13.56
CA LEU B 234 4.10 21.90 -13.96
C LEU B 234 3.30 21.38 -12.77
N GLY B 235 1.99 21.40 -12.91
CA GLY B 235 1.11 20.75 -11.95
C GLY B 235 0.70 19.42 -12.55
N ILE B 236 0.40 18.46 -11.68
CA ILE B 236 0.07 17.12 -12.13
C ILE B 236 -0.92 16.50 -11.15
N THR B 237 -1.82 15.69 -11.69
CA THR B 237 -2.74 14.91 -10.86
C THR B 237 -3.25 13.76 -11.71
N VAL B 238 -4.01 12.88 -11.08
CA VAL B 238 -4.62 11.77 -11.80
C VAL B 238 -6.12 11.92 -11.60
N HIS B 239 -6.87 11.81 -12.69
CA HIS B 239 -8.32 11.87 -12.66
C HIS B 239 -8.86 10.78 -13.56
N GLN B 240 -9.61 9.84 -12.97
CA GLN B 240 -10.28 8.74 -13.66
C GLN B 240 -9.34 7.97 -14.59
N GLY B 241 -8.25 7.46 -14.01
CA GLY B 241 -7.35 6.63 -14.77
C GLY B 241 -6.47 7.35 -15.78
N ARG B 242 -6.37 8.68 -15.71
CA ARG B 242 -5.57 9.43 -16.68
C ARG B 242 -4.78 10.51 -15.95
N ILE B 243 -3.60 10.82 -16.48
CA ILE B 243 -2.72 11.83 -15.90
C ILE B 243 -3.01 13.18 -16.56
N TYR B 244 -3.15 14.21 -15.75
CA TYR B 244 -3.31 15.56 -16.25
C TYR B 244 -2.12 16.40 -15.81
N VAL B 245 -1.51 17.14 -16.73
CA VAL B 245 -0.42 18.04 -16.39
C VAL B 245 -0.85 19.47 -16.74
N LEU B 246 -0.62 20.38 -15.80
CA LEU B 246 -1.17 21.73 -15.90
C LEU B 246 -0.02 22.75 -15.93
N GLY B 247 -0.01 23.60 -16.96
CA GLY B 247 0.85 24.76 -17.00
C GLY B 247 2.32 24.39 -16.91
N GLY B 248 3.07 25.27 -16.28
CA GLY B 248 4.51 25.16 -16.16
C GLY B 248 5.20 26.22 -17.00
N TYR B 249 6.52 26.08 -17.11
CA TYR B 249 7.38 27.06 -17.75
C TYR B 249 8.24 26.34 -18.77
N ASP B 250 8.29 26.85 -20.00
CA ASP B 250 9.04 26.19 -21.07
C ASP B 250 10.32 26.94 -21.46
N GLY B 251 10.80 27.83 -20.59
CA GLY B 251 11.96 28.63 -20.89
C GLY B 251 11.66 29.94 -21.58
N HIS B 252 10.44 30.11 -22.09
CA HIS B 252 10.00 31.36 -22.72
C HIS B 252 8.65 31.85 -22.23
N THR B 253 7.70 30.97 -21.96
CA THR B 253 6.38 31.41 -21.56
C THR B 253 5.87 30.58 -20.41
N PHE B 254 4.98 31.18 -19.65
CA PHE B 254 4.21 30.48 -18.64
C PHE B 254 3.00 29.87 -19.33
N LEU B 255 2.96 28.53 -19.38
CA LEU B 255 1.97 27.84 -20.18
C LEU B 255 0.60 27.87 -19.52
N ASP B 256 -0.43 27.84 -20.35
CA ASP B 256 -1.79 27.54 -19.90
C ASP B 256 -2.25 26.19 -20.43
N SER B 257 -1.40 25.53 -21.22
CA SER B 257 -1.65 24.21 -21.78
C SER B 257 -1.91 23.17 -20.70
N VAL B 258 -3.01 22.42 -20.84
CA VAL B 258 -3.27 21.23 -20.02
C VAL B 258 -3.26 20.03 -20.94
N GLU B 259 -2.48 19.02 -20.58
CA GLU B 259 -2.34 17.79 -21.35
C GLU B 259 -2.75 16.59 -20.52
N CYS B 260 -3.19 15.55 -21.21
CA CYS B 260 -3.82 14.40 -20.58
C CYS B 260 -3.20 13.14 -21.16
N TYR B 261 -2.67 12.30 -20.28
CA TYR B 261 -2.04 11.05 -20.70
C TYR B 261 -3.01 9.88 -20.53
N ASP B 262 -3.29 9.17 -21.62
CA ASP B 262 -4.06 7.93 -21.58
C ASP B 262 -3.08 6.75 -21.55
N PRO B 263 -2.99 6.01 -20.45
CA PRO B 263 -2.03 4.88 -20.40
C PRO B 263 -2.39 3.72 -21.29
N ASP B 264 -3.68 3.56 -21.64
CA ASP B 264 -4.01 2.44 -22.51
C ASP B 264 -3.55 2.67 -23.94
N THR B 265 -3.52 3.91 -24.41
CA THR B 265 -2.96 4.18 -25.72
C THR B 265 -1.53 4.71 -25.67
N ASP B 266 -0.98 4.93 -24.50
CA ASP B 266 0.33 5.59 -24.35
C ASP B 266 0.38 6.87 -25.20
N THR B 267 -0.63 7.72 -25.02
CA THR B 267 -0.69 8.95 -25.80
C THR B 267 -1.08 10.11 -24.91
N TRP B 268 -0.57 11.29 -25.29
CA TRP B 268 -0.87 12.57 -24.66
C TRP B 268 -1.75 13.37 -25.61
N SER B 269 -2.76 14.05 -25.05
CA SER B 269 -3.62 14.96 -25.79
C SER B 269 -3.71 16.28 -25.04
N GLU B 270 -3.82 17.38 -25.77
CA GLU B 270 -4.16 18.65 -25.16
C GLU B 270 -5.67 18.69 -24.97
N VAL B 271 -6.14 18.94 -23.75
CA VAL B 271 -7.57 18.86 -23.47
C VAL B 271 -8.17 20.23 -23.20
N THR B 272 -7.40 21.14 -22.61
CA THR B 272 -7.93 22.46 -22.29
C THR B 272 -6.80 23.47 -22.14
N ARG B 273 -7.18 24.72 -21.95
CA ARG B 273 -6.26 25.78 -21.55
C ARG B 273 -6.80 26.37 -20.25
N MET B 274 -5.92 26.50 -19.26
CA MET B 274 -6.26 27.28 -18.08
C MET B 274 -6.66 28.70 -18.46
N THR B 275 -7.31 29.40 -17.53
CA THR B 275 -7.72 30.77 -17.82
C THR B 275 -6.54 31.69 -18.05
N SER B 276 -5.37 31.34 -17.53
CA SER B 276 -4.17 32.12 -17.79
C SER B 276 -2.95 31.27 -17.46
N GLY B 277 -1.87 31.52 -18.20
CA GLY B 277 -0.68 30.70 -18.03
C GLY B 277 -0.07 30.90 -16.64
N ARG B 278 0.47 29.82 -16.09
CA ARG B 278 1.13 29.90 -14.80
C ARG B 278 1.97 28.66 -14.59
N SER B 279 2.90 28.76 -13.65
CA SER B 279 3.73 27.62 -13.24
C SER B 279 3.68 27.54 -11.74
N GLY B 280 4.20 26.42 -11.21
CA GLY B 280 4.34 26.27 -9.79
C GLY B 280 3.01 26.21 -9.04
N VAL B 281 2.01 25.54 -9.61
CA VAL B 281 0.71 25.39 -8.99
C VAL B 281 0.70 24.17 -8.07
N GLY B 282 -0.24 24.17 -7.13
CA GLY B 282 -0.62 22.95 -6.41
C GLY B 282 -1.90 22.43 -7.02
N VAL B 283 -1.98 21.10 -7.19
CA VAL B 283 -3.06 20.45 -7.92
C VAL B 283 -3.53 19.21 -7.16
N ALA B 284 -4.84 19.00 -7.14
CA ALA B 284 -5.39 17.78 -6.56
C ALA B 284 -6.84 17.64 -7.02
N VAL B 285 -7.43 16.48 -6.71
CA VAL B 285 -8.76 16.14 -7.18
C VAL B 285 -9.64 15.90 -5.97
N THR B 286 -10.83 16.49 -5.97
CA THR B 286 -11.84 16.16 -4.96
C THR B 286 -13.21 16.55 -5.52
N MET B 287 -14.25 16.34 -4.70
CA MET B 287 -15.61 16.55 -5.17
C MET B 287 -15.84 17.98 -5.64
N GLU B 288 -16.79 18.15 -6.54
CA GLU B 288 -17.10 19.48 -7.01
C GLU B 288 -17.76 20.29 -5.89
N PRO B 289 -17.63 21.62 -5.93
CA PRO B 289 -18.21 22.43 -4.87
C PRO B 289 -19.72 22.45 -4.91
N SER B 290 -20.30 22.86 -3.78
CA SER B 290 -21.75 22.97 -3.66
C SER B 290 -22.30 24.15 -4.44
N ARG B 291 -21.92 25.36 -4.04
CA ARG B 291 -22.55 26.64 -4.42
C ARG B 291 -24.04 26.51 -4.77
N ASP C 2 -0.17 -35.86 13.99
CA ASP C 2 1.00 -35.42 13.27
C ASP C 2 1.61 -34.27 14.04
N PRO C 3 2.91 -34.05 13.89
CA PRO C 3 3.58 -33.05 14.73
C PRO C 3 3.16 -31.62 14.46
N GLU C 4 2.58 -31.33 13.30
CA GLU C 4 2.48 -29.95 12.80
C GLU C 4 1.15 -29.29 13.12
N THR C 5 0.05 -29.99 12.90
CA THR C 5 -1.29 -29.46 13.15
C THR C 5 -1.95 -30.09 14.38
N GLY C 6 -1.35 -31.12 14.97
CA GLY C 6 -1.97 -31.90 16.03
C GLY C 6 -3.20 -32.68 15.61
N GLU C 7 -3.57 -32.61 14.34
CA GLU C 7 -4.87 -33.02 13.84
C GLU C 7 -4.93 -34.42 13.23
#